data_4Y93
#
_entry.id   4Y93
#
_cell.length_a   38.328
_cell.length_b   78.647
_cell.length_c   157.569
_cell.angle_alpha   90.000
_cell.angle_beta   90.000
_cell.angle_gamma   90.000
#
_symmetry.space_group_name_H-M   'P 2 21 21'
#
loop_
_entity.id
_entity.type
_entity.pdbx_description
1 polymer 'Non-specific protein-tyrosine kinase,Non-specific protein-tyrosine kinase'
2 non-polymer 'ZINC ION'
3 non-polymer 4-tert-butyl-N-[2-methyl-3-(4-methyl-6-{[4-(morpholin-4-ylcarbonyl)phenyl]amino}-5-oxo-4,5-dihydropyrazin-2-yl)phenyl]benzamide
4 non-polymer 'CALCIUM ION'
5 water water
#
_entity_poly.entity_id   1
_entity_poly.type   'polypeptide(L)'
_entity_poly.pdbx_seq_one_letter_code
;GMATVILESIFLKRSQQKKKTSPLNFKKRLFLLTVQKLSYYEYDFERGRRGSKKGSIDVEKITCVETVVPEKNPPPERQI
PRRGEESSETEQISIIERFPYPFQVVYDEGPLYVFSPTEELRKRWIHQLKNVIRYNSDLVQKYHPCFWIDGQYLCCSQTA
KNAMGCQILAAAPSTAGLGYGSWEIDPKDLTFLKELGTGQFGVVKYGKWRGQYDVAIKMIKEGSMSEDEFIEEAKVMMNL
SHEKLVQLYGVCTKQRPIFIITEYMANGCLLNYLREMRHRFQTQQLLEMCKDVCEAMEYLESKQFLHRDLAARNCLVNDQ
GVVKVSDFGMTRYVLDDEYTSSTGSKFPVKWASPEVLMYSKFSSKSDIWAFGVLMWEIYSLGKMPYERFTNSETAEHIAQ
GLRLPRPHLASERVYAIMYSCWHEKADERPTFKILLSNILDVMDEE
;
_entity_poly.pdbx_strand_id   A
#
loop_
_chem_comp.id
_chem_comp.type
_chem_comp.name
_chem_comp.formula
746 non-polymer 4-tert-butyl-N-[2-methyl-3-(4-methyl-6-{[4-(morpholin-4-ylcarbonyl)phenyl]amino}-5-oxo-4,5-dihydropyrazin-2-yl)phenyl]benzamide 'C34 H37 N5 O4'
CA non-polymer 'CALCIUM ION' 'Ca 2'
ZN non-polymer 'ZINC ION' 'Zn 2'
#
# COMPACT_ATOMS: atom_id res chain seq x y z
N GLY A 1 -13.05 1.42 -1.69
CA GLY A 1 -11.79 0.74 -1.85
C GLY A 1 -11.74 0.06 -3.19
N MET A 2 -11.75 -1.26 -3.18
CA MET A 2 -11.61 -2.03 -4.38
C MET A 2 -12.19 -3.43 -4.15
N ALA A 3 -12.71 -4.00 -5.22
CA ALA A 3 -13.39 -5.28 -5.12
C ALA A 3 -12.41 -6.45 -5.17
N THR A 4 -11.12 -6.16 -5.25
CA THR A 4 -10.09 -7.19 -5.37
C THR A 4 -10.04 -8.12 -4.16
N VAL A 5 -9.94 -9.42 -4.41
CA VAL A 5 -9.74 -10.40 -3.33
C VAL A 5 -8.30 -10.40 -2.81
N ILE A 6 -8.11 -10.00 -1.56
CA ILE A 6 -6.79 -9.89 -0.92
C ILE A 6 -6.23 -11.23 -0.47
N LEU A 7 -7.13 -12.08 0.04
CA LEU A 7 -6.75 -13.42 0.47
C LEU A 7 -7.83 -14.40 0.05
N GLU A 8 -7.40 -15.58 -0.37
CA GLU A 8 -8.28 -16.67 -0.75
C GLU A 8 -7.72 -17.98 -0.16
N SER A 9 -8.52 -18.66 0.65
CA SER A 9 -8.10 -19.91 1.27
C SER A 9 -9.27 -20.83 1.56
N ILE A 10 -8.97 -22.11 1.73
CA ILE A 10 -9.96 -23.10 2.08
C ILE A 10 -9.71 -23.37 3.55
N PHE A 11 -10.76 -23.18 4.35
CA PHE A 11 -10.70 -23.31 5.80
C PHE A 11 -11.83 -24.21 6.25
N LEU A 12 -11.70 -24.74 7.47
CA LEU A 12 -12.79 -25.48 8.10
C LEU A 12 -13.52 -24.53 9.06
N LYS A 13 -14.82 -24.37 8.85
CA LYS A 13 -15.63 -23.45 9.63
C LYS A 13 -16.54 -24.19 10.60
N ARG A 14 -16.62 -23.73 11.85
CA ARG A 14 -17.55 -24.31 12.81
C ARG A 14 -18.90 -23.62 12.67
N SER A 15 -19.98 -24.39 12.82
CA SER A 15 -21.33 -23.81 12.74
C SER A 15 -21.55 -22.80 13.86
N LEU A 24 -22.84 -29.48 16.96
CA LEU A 24 -21.80 -28.62 16.40
C LEU A 24 -21.13 -29.26 15.18
N ASN A 25 -21.37 -28.67 14.01
CA ASN A 25 -20.81 -29.19 12.77
C ASN A 25 -19.70 -28.35 12.20
N PHE A 26 -18.80 -29.03 11.49
CA PHE A 26 -17.68 -28.36 10.83
C PHE A 26 -17.77 -28.61 9.33
N LYS A 27 -17.58 -27.55 8.54
CA LYS A 27 -17.65 -27.65 7.08
C LYS A 27 -16.51 -26.91 6.38
N LYS A 28 -16.03 -27.49 5.28
CA LYS A 28 -15.00 -26.86 4.47
C LYS A 28 -15.61 -25.71 3.67
N ARG A 29 -15.00 -24.54 3.74
CA ARG A 29 -15.47 -23.37 3.00
C ARG A 29 -14.31 -22.62 2.35
N LEU A 30 -14.57 -22.07 1.17
CA LEU A 30 -13.62 -21.16 0.52
C LEU A 30 -13.87 -19.75 1.04
N PHE A 31 -12.87 -19.16 1.69
CA PHE A 31 -13.01 -17.83 2.26
C PHE A 31 -12.35 -16.81 1.35
N LEU A 32 -13.08 -15.74 1.04
CA LEU A 32 -12.55 -14.69 0.21
C LEU A 32 -12.60 -13.37 0.98
N LEU A 33 -11.48 -12.68 1.08
CA LEU A 33 -11.43 -11.42 1.78
C LEU A 33 -11.17 -10.26 0.85
N THR A 34 -11.98 -9.23 0.96
CA THR A 34 -11.83 -7.96 0.24
C THR A 34 -11.82 -6.95 1.36
N VAL A 35 -11.45 -5.71 1.09
CA VAL A 35 -11.42 -4.71 2.15
C VAL A 35 -12.84 -4.43 2.67
N GLN A 36 -13.84 -4.78 1.89
CA GLN A 36 -15.22 -4.55 2.28
C GLN A 36 -15.93 -5.72 2.97
N LYS A 37 -15.61 -6.95 2.54
CA LYS A 37 -16.27 -8.09 3.12
C LYS A 37 -15.46 -9.37 3.22
N LEU A 38 -15.76 -10.16 4.24
CA LEU A 38 -15.22 -11.50 4.40
C LEU A 38 -16.32 -12.48 4.06
N SER A 39 -16.20 -13.15 2.93
CA SER A 39 -17.27 -14.01 2.41
C SER A 39 -16.79 -15.45 2.36
N TYR A 40 -17.70 -16.39 2.49
CA TYR A 40 -17.35 -17.78 2.40
C TYR A 40 -18.41 -18.52 1.63
N TYR A 41 -17.90 -19.51 0.89
CA TYR A 41 -18.64 -20.30 -0.06
C TYR A 41 -18.28 -21.77 -0.07
N GLU A 42 -19.12 -22.57 -0.71
CA GLU A 42 -18.82 -23.96 -0.93
C GLU A 42 -17.71 -23.87 -1.97
N TYR A 43 -16.76 -24.79 -1.94
CA TYR A 43 -15.69 -24.82 -2.91
C TYR A 43 -16.06 -25.75 -4.06
N ASP A 44 -16.11 -25.20 -5.28
CA ASP A 44 -16.32 -26.00 -6.48
C ASP A 44 -15.01 -26.65 -6.90
N PHE A 45 -14.74 -27.85 -6.41
CA PHE A 45 -13.45 -28.50 -6.66
C PHE A 45 -13.19 -28.70 -8.16
N GLU A 46 -14.21 -29.21 -8.86
CA GLU A 46 -14.07 -29.56 -10.28
C GLU A 46 -13.72 -28.35 -11.14
N ARG A 47 -14.37 -27.22 -10.89
CA ARG A 47 -14.15 -26.02 -11.68
C ARG A 47 -13.05 -25.12 -11.09
N GLY A 48 -12.57 -25.46 -9.89
CA GLY A 48 -11.50 -24.71 -9.26
C GLY A 48 -11.87 -23.26 -8.98
N ARG A 49 -13.12 -23.07 -8.56
CA ARG A 49 -13.68 -21.75 -8.31
C ARG A 49 -14.63 -21.79 -7.13
N ARG A 50 -15.15 -20.63 -6.75
CA ARG A 50 -16.14 -20.56 -5.68
C ARG A 50 -17.42 -21.25 -6.14
N GLY A 51 -18.06 -21.96 -5.22
CA GLY A 51 -19.39 -22.50 -5.43
C GLY A 51 -20.42 -21.55 -4.86
N SER A 52 -21.52 -22.10 -4.36
CA SER A 52 -22.61 -21.28 -3.84
C SER A 52 -22.18 -20.58 -2.54
N LYS A 53 -22.61 -19.33 -2.41
CA LYS A 53 -22.28 -18.53 -1.25
C LYS A 53 -23.01 -19.03 -0.02
N LYS A 54 -22.32 -19.01 1.13
CA LYS A 54 -22.88 -19.54 2.37
C LYS A 54 -22.91 -18.50 3.48
N GLY A 55 -22.35 -17.32 3.22
CA GLY A 55 -22.38 -16.25 4.20
C GLY A 55 -21.27 -15.25 4.01
N SER A 56 -21.40 -14.14 4.74
CA SER A 56 -20.41 -13.07 4.66
C SER A 56 -20.50 -12.16 5.87
N ILE A 57 -19.37 -11.55 6.22
CA ILE A 57 -19.31 -10.57 7.30
C ILE A 57 -18.76 -9.28 6.74
N ASP A 58 -19.44 -8.16 6.98
CA ASP A 58 -18.92 -6.86 6.58
C ASP A 58 -17.68 -6.55 7.40
N VAL A 59 -16.59 -6.22 6.72
CA VAL A 59 -15.33 -5.99 7.43
C VAL A 59 -15.48 -4.87 8.48
N GLU A 60 -16.35 -3.89 8.22
CA GLU A 60 -16.53 -2.79 9.16
C GLU A 60 -17.13 -3.25 10.50
N LYS A 61 -17.69 -4.46 10.54
CA LYS A 61 -18.35 -4.96 11.76
C LYS A 61 -17.40 -5.79 12.63
N ILE A 62 -16.22 -6.07 12.11
CA ILE A 62 -15.22 -6.87 12.83
C ILE A 62 -14.54 -6.03 13.90
N THR A 63 -14.50 -6.54 15.13
CA THR A 63 -13.92 -5.79 16.24
C THR A 63 -12.59 -6.39 16.70
N CYS A 64 -12.32 -7.63 16.30
CA CYS A 64 -11.14 -8.34 16.78
C CYS A 64 -10.90 -9.58 15.94
N VAL A 65 -9.63 -9.86 15.65
CA VAL A 65 -9.23 -11.13 15.06
C VAL A 65 -8.01 -11.64 15.80
N GLU A 66 -8.06 -12.88 16.24
CA GLU A 66 -6.99 -13.43 17.07
C GLU A 66 -7.00 -14.96 17.03
N THR A 67 -5.92 -15.57 17.50
CA THR A 67 -5.87 -17.04 17.59
C THR A 67 -6.87 -17.52 18.63
N VAL A 68 -7.13 -18.83 18.63
CA VAL A 68 -7.94 -19.45 19.66
C VAL A 68 -7.10 -20.57 20.27
N VAL A 69 -7.26 -20.80 21.57
CA VAL A 69 -6.62 -21.95 22.22
C VAL A 69 -7.22 -23.22 21.63
N PRO A 70 -6.36 -24.15 21.16
CA PRO A 70 -6.91 -25.33 20.48
C PRO A 70 -7.76 -26.18 21.41
N GLU A 71 -8.69 -26.95 20.84
CA GLU A 71 -9.50 -27.84 21.66
C GLU A 71 -8.57 -28.91 22.22
N LYS A 72 -8.92 -29.46 23.39
CA LYS A 72 -8.02 -30.36 24.09
C LYS A 72 -8.04 -31.77 23.49
N ASN A 73 -9.18 -32.15 22.93
CA ASN A 73 -9.37 -33.45 22.29
C ASN A 73 -10.01 -33.29 20.92
N PRO A 74 -9.19 -32.79 19.91
CA PRO A 74 -9.85 -32.64 18.60
C PRO A 74 -9.68 -33.88 17.71
N PRO A 75 -10.74 -34.28 17.02
CA PRO A 75 -10.67 -35.47 16.17
C PRO A 75 -9.50 -35.35 15.19
N PRO A 76 -9.12 -36.46 14.53
CA PRO A 76 -7.99 -36.49 13.60
C PRO A 76 -7.99 -35.36 12.57
N GLU A 77 -9.16 -34.98 12.06
CA GLU A 77 -9.21 -33.95 11.03
C GLU A 77 -8.72 -32.59 11.55
N ARG A 78 -8.66 -32.45 12.87
CA ARG A 78 -8.22 -31.19 13.48
C ARG A 78 -7.04 -31.38 14.44
N GLN A 79 -6.32 -32.49 14.30
CA GLN A 79 -5.18 -32.77 15.15
C GLN A 79 -3.91 -32.13 14.66
N ILE A 80 -3.22 -31.43 15.57
CA ILE A 80 -1.98 -30.75 15.22
C ILE A 80 -0.90 -31.77 14.83
N PRO A 81 -0.86 -32.93 15.59
CA PRO A 81 0.17 -33.88 15.20
C PRO A 81 -0.36 -34.99 14.28
N GLU A 91 1.51 -33.37 1.60
CA GLU A 91 1.34 -31.92 1.65
C GLU A 91 0.12 -31.46 0.88
N GLN A 92 0.02 -31.90 -0.38
CA GLN A 92 -1.12 -31.55 -1.23
C GLN A 92 -2.43 -31.98 -0.58
N ILE A 93 -2.50 -33.23 -0.13
CA ILE A 93 -3.75 -33.77 0.42
C ILE A 93 -4.02 -33.20 1.81
N SER A 94 -2.98 -33.05 2.62
CA SER A 94 -3.17 -32.63 4.01
C SER A 94 -3.58 -31.16 4.10
N ILE A 95 -3.10 -30.33 3.18
CA ILE A 95 -3.40 -28.91 3.25
C ILE A 95 -4.86 -28.60 2.84
N ILE A 96 -5.62 -29.61 2.42
CA ILE A 96 -7.06 -29.44 2.20
C ILE A 96 -7.92 -30.45 2.95
N GLU A 97 -7.31 -31.26 3.83
CA GLU A 97 -8.08 -32.25 4.58
C GLU A 97 -7.81 -32.15 6.09
N ARG A 98 -6.72 -31.49 6.48
CA ARG A 98 -6.36 -31.39 7.88
C ARG A 98 -6.28 -29.93 8.31
N PHE A 99 -7.10 -29.56 9.29
CA PHE A 99 -7.20 -28.18 9.77
C PHE A 99 -7.07 -28.07 11.28
N PRO A 100 -5.85 -27.98 11.77
CA PRO A 100 -5.62 -27.92 13.22
C PRO A 100 -5.42 -26.54 13.88
N TYR A 101 -5.29 -25.46 13.12
CA TYR A 101 -5.00 -24.18 13.75
C TYR A 101 -6.14 -23.19 13.71
N PRO A 102 -6.81 -23.02 14.84
CA PRO A 102 -7.95 -22.09 14.82
C PRO A 102 -7.70 -20.62 15.08
N PHE A 103 -8.61 -19.82 14.54
CA PHE A 103 -8.62 -18.39 14.77
C PHE A 103 -10.04 -17.91 14.85
N GLN A 104 -10.23 -16.73 15.43
CA GLN A 104 -11.58 -16.22 15.61
C GLN A 104 -11.73 -14.85 14.99
N VAL A 105 -12.90 -14.64 14.39
CA VAL A 105 -13.30 -13.36 13.84
C VAL A 105 -14.45 -12.87 14.68
N VAL A 106 -14.21 -11.82 15.44
CA VAL A 106 -15.19 -11.35 16.41
C VAL A 106 -16.01 -10.22 15.82
N TYR A 107 -17.33 -10.35 15.89
CA TYR A 107 -18.23 -9.29 15.50
C TYR A 107 -19.51 -9.39 16.33
N ASP A 108 -20.45 -8.49 16.10
CA ASP A 108 -21.68 -8.41 16.89
C ASP A 108 -22.38 -9.77 17.07
N GLU A 109 -22.53 -10.50 15.96
CA GLU A 109 -23.22 -11.79 16.02
C GLU A 109 -22.29 -12.93 16.43
N GLY A 110 -21.70 -12.80 17.61
CA GLY A 110 -20.86 -13.84 18.16
C GLY A 110 -19.58 -14.00 17.39
N PRO A 111 -18.69 -14.91 17.93
CA PRO A 111 -17.47 -15.10 17.15
C PRO A 111 -17.63 -16.12 16.05
N LEU A 112 -16.80 -16.03 15.02
CA LEU A 112 -16.78 -16.98 13.94
C LEU A 112 -15.46 -17.71 14.10
N TYR A 113 -15.53 -19.02 14.16
CA TYR A 113 -14.35 -19.85 14.33
C TYR A 113 -13.97 -20.53 13.02
N VAL A 114 -12.71 -20.35 12.66
CA VAL A 114 -12.15 -20.83 11.41
C VAL A 114 -10.87 -21.61 11.69
N PHE A 115 -10.72 -22.78 11.08
CA PHE A 115 -9.54 -23.62 11.28
C PHE A 115 -8.66 -23.65 10.01
N SER A 116 -7.41 -23.25 10.18
CA SER A 116 -6.44 -23.19 9.08
C SER A 116 -5.64 -24.49 9.00
N PRO A 117 -5.23 -24.88 7.78
CA PRO A 117 -4.43 -26.10 7.66
C PRO A 117 -2.98 -25.92 8.15
N THR A 118 -2.50 -24.69 8.22
CA THR A 118 -1.14 -24.41 8.63
C THR A 118 -1.04 -23.20 9.56
N GLU A 119 0.06 -23.11 10.30
CA GLU A 119 0.29 -21.97 11.19
C GLU A 119 0.62 -20.70 10.41
N GLU A 120 1.44 -20.85 9.37
CA GLU A 120 1.84 -19.72 8.55
C GLU A 120 0.62 -19.05 7.93
N LEU A 121 -0.36 -19.85 7.54
CA LEU A 121 -1.54 -19.32 6.87
C LEU A 121 -2.43 -18.58 7.86
N ARG A 122 -2.55 -19.14 9.06
CA ARG A 122 -3.27 -18.44 10.12
C ARG A 122 -2.59 -17.12 10.46
N LYS A 123 -1.26 -17.12 10.54
CA LYS A 123 -0.52 -15.90 10.84
C LYS A 123 -0.80 -14.84 9.77
N ARG A 124 -0.82 -15.26 8.51
CA ARG A 124 -1.00 -14.35 7.40
C ARG A 124 -2.38 -13.71 7.46
N TRP A 125 -3.40 -14.52 7.69
CA TRP A 125 -4.75 -14.00 7.77
C TRP A 125 -4.93 -13.06 8.97
N ILE A 126 -4.40 -13.43 10.13
CA ILE A 126 -4.53 -12.59 11.31
C ILE A 126 -3.80 -11.25 11.10
N HIS A 127 -2.59 -11.31 10.54
CA HIS A 127 -1.83 -10.08 10.33
C HIS A 127 -2.59 -9.16 9.39
N GLN A 128 -3.10 -9.73 8.29
CA GLN A 128 -3.82 -8.92 7.31
C GLN A 128 -5.11 -8.34 7.89
N LEU A 129 -5.86 -9.14 8.63
CA LEU A 129 -7.14 -8.67 9.15
C LEU A 129 -6.95 -7.61 10.22
N LYS A 130 -5.93 -7.79 11.07
CA LYS A 130 -5.65 -6.82 12.11
C LYS A 130 -5.38 -5.44 11.50
N ASN A 131 -4.70 -5.39 10.37
CA ASN A 131 -4.38 -4.09 9.79
C ASN A 131 -5.63 -3.46 9.19
N VAL A 132 -6.38 -4.27 8.45
CA VAL A 132 -7.61 -3.83 7.83
C VAL A 132 -8.57 -3.23 8.86
N ILE A 133 -8.78 -3.93 9.97
CA ILE A 133 -9.79 -3.44 10.91
C ILE A 133 -9.35 -2.18 11.67
N ARG A 134 -8.12 -1.71 11.47
CA ARG A 134 -7.72 -0.43 12.06
C ARG A 134 -8.64 0.71 11.61
N TYR A 135 -9.27 0.53 10.45
CA TYR A 135 -10.21 1.49 9.89
C TYR A 135 -11.52 1.62 10.70
N ASN A 136 -11.85 0.58 11.46
CA ASN A 136 -13.15 0.46 12.11
C ASN A 136 -13.32 1.27 13.39
N SER A 137 -14.58 1.45 13.75
CA SER A 137 -14.98 2.27 14.89
C SER A 137 -15.34 1.62 16.22
N ASP A 138 -15.57 0.32 16.26
CA ASP A 138 -15.97 -0.30 17.52
C ASP A 138 -14.97 -1.36 17.98
N LEU A 139 -13.71 -1.06 17.77
CA LEU A 139 -12.65 -2.02 18.08
C LEU A 139 -12.53 -2.29 19.58
N VAL A 140 -12.31 -3.55 19.93
CA VAL A 140 -12.17 -3.94 21.33
C VAL A 140 -10.71 -4.09 21.74
N GLN A 141 -10.44 -3.95 23.04
CA GLN A 141 -9.11 -4.08 23.59
C GLN A 141 -8.91 -5.46 24.22
N LYS A 142 -10.01 -6.17 24.44
CA LYS A 142 -9.98 -7.47 25.13
C LYS A 142 -10.68 -8.53 24.29
N TYR A 143 -10.28 -9.78 24.48
CA TYR A 143 -10.94 -10.87 23.78
C TYR A 143 -11.00 -12.12 24.65
N HIS A 144 -11.69 -13.13 24.14
CA HIS A 144 -11.72 -14.46 24.75
C HIS A 144 -10.72 -15.41 24.11
N PRO A 145 -9.68 -15.82 24.87
CA PRO A 145 -8.66 -16.69 24.28
C PRO A 145 -9.17 -18.07 23.88
N CYS A 146 -10.24 -18.54 24.51
CA CYS A 146 -10.78 -19.85 24.28
C CYS A 146 -12.13 -19.85 23.63
N PHE A 147 -12.50 -21.04 23.18
CA PHE A 147 -13.75 -21.26 22.50
C PHE A 147 -14.98 -21.12 23.36
N TRP A 148 -16.04 -20.69 22.72
CA TRP A 148 -17.33 -20.64 23.32
C TRP A 148 -17.85 -22.03 22.97
N ILE A 149 -18.27 -22.78 23.96
CA ILE A 149 -18.81 -24.11 23.75
C ILE A 149 -19.79 -24.49 24.87
N ASP A 150 -20.87 -25.17 24.52
CA ASP A 150 -21.86 -25.62 25.49
C ASP A 150 -22.38 -24.47 26.37
N GLY A 151 -22.62 -23.32 25.74
CA GLY A 151 -23.24 -22.20 26.42
C GLY A 151 -22.33 -21.34 27.28
N GLN A 152 -21.01 -21.51 27.14
CA GLN A 152 -20.07 -20.65 27.86
C GLN A 152 -18.68 -20.61 27.25
N TYR A 153 -17.95 -19.53 27.54
CA TYR A 153 -16.54 -19.44 27.18
C TYR A 153 -15.70 -20.29 28.13
N LEU A 154 -14.85 -21.15 27.57
CA LEU A 154 -13.99 -22.02 28.38
C LEU A 154 -12.93 -21.24 29.15
N CYS A 155 -12.64 -20.02 28.70
CA CYS A 155 -11.59 -19.22 29.33
C CYS A 155 -12.05 -18.60 30.65
N CYS A 156 -13.26 -18.05 30.67
CA CYS A 156 -13.73 -17.25 31.81
C CYS A 156 -15.10 -17.71 32.31
N SER A 157 -15.68 -18.72 31.64
CA SER A 157 -16.97 -19.33 32.01
C SER A 157 -18.17 -18.39 31.88
N GLN A 158 -17.99 -17.24 31.22
CA GLN A 158 -19.12 -16.35 31.00
C GLN A 158 -20.11 -16.97 30.00
N THR A 159 -21.39 -16.68 30.20
CA THR A 159 -22.48 -17.37 29.50
C THR A 159 -23.15 -16.57 28.37
N ALA A 160 -22.66 -15.37 28.09
CA ALA A 160 -23.17 -14.56 26.98
C ALA A 160 -22.11 -14.46 25.88
N LYS A 161 -22.51 -14.77 24.64
CA LYS A 161 -21.58 -14.75 23.51
C LYS A 161 -20.94 -13.38 23.31
N ASN A 162 -21.70 -12.32 23.61
CA ASN A 162 -21.21 -10.96 23.43
C ASN A 162 -20.57 -10.40 24.71
N ALA A 163 -20.35 -11.28 25.69
CA ALA A 163 -19.64 -10.89 26.89
C ALA A 163 -18.27 -10.31 26.52
N MET A 164 -17.89 -9.24 27.20
CA MET A 164 -16.58 -8.60 26.98
C MET A 164 -15.44 -9.59 27.15
N GLY A 165 -14.39 -9.43 26.35
CA GLY A 165 -13.24 -10.33 26.43
C GLY A 165 -12.62 -10.30 27.82
N CYS A 166 -12.08 -11.43 28.24
CA CYS A 166 -11.52 -11.58 29.59
C CYS A 166 -10.02 -11.31 29.64
N GLN A 167 -9.38 -11.17 28.47
CA GLN A 167 -7.95 -10.94 28.39
C GLN A 167 -7.60 -9.79 27.45
N ILE A 168 -6.72 -8.90 27.87
CA ILE A 168 -6.32 -7.77 27.04
C ILE A 168 -5.48 -8.27 25.88
N LEU A 169 -5.72 -7.73 24.68
CA LEU A 169 -4.90 -8.04 23.51
C LEU A 169 -3.44 -7.68 23.72
N ALA A 170 -2.55 -8.44 23.09
CA ALA A 170 -1.11 -8.22 23.23
C ALA A 170 -0.70 -6.84 22.70
N ALA A 171 -1.34 -6.40 21.63
CA ALA A 171 -1.07 -5.08 21.05
C ALA A 171 -2.39 -4.40 20.71
N ALA A 172 -3.18 -4.12 21.75
CA ALA A 172 -4.48 -3.47 21.59
C ALA A 172 -4.36 -2.16 20.82
N PRO A 173 -5.18 -1.98 19.77
CA PRO A 173 -5.02 -0.78 18.93
C PRO A 173 -5.11 0.54 19.69
N SER A 174 -5.92 0.59 20.76
CA SER A 174 -6.11 1.83 21.51
C SER A 174 -4.80 2.32 22.12
N THR A 175 -3.85 1.39 22.30
CA THR A 175 -2.57 1.69 22.93
C THR A 175 -1.40 1.35 21.99
N ALA A 176 -1.72 1.10 20.72
CA ALA A 176 -0.71 0.78 19.72
C ALA A 176 -0.04 2.07 19.21
N GLY A 177 1.21 1.93 18.78
CA GLY A 177 1.96 3.05 18.22
C GLY A 177 1.61 3.29 16.76
N LEU A 178 2.22 4.32 16.17
CA LEU A 178 1.95 4.70 14.78
C LEU A 178 2.14 3.57 13.80
N GLY A 179 1.12 3.34 12.98
CA GLY A 179 1.13 2.25 12.03
C GLY A 179 0.31 1.05 12.50
N TYR A 180 -0.12 1.05 13.76
CA TYR A 180 -0.89 -0.08 14.30
C TYR A 180 -2.14 0.36 15.06
N GLY A 181 -2.30 1.66 15.24
CA GLY A 181 -3.40 2.17 16.02
C GLY A 181 -4.60 2.51 15.16
N SER A 182 -5.57 3.20 15.77
CA SER A 182 -6.75 3.66 15.04
C SER A 182 -6.31 4.44 13.81
N TRP A 183 -6.93 4.17 12.68
CA TRP A 183 -6.65 4.90 11.44
C TRP A 183 -6.92 6.42 11.60
N GLU A 184 -7.97 6.76 12.34
CA GLU A 184 -8.25 8.16 12.66
C GLU A 184 -7.38 8.62 13.79
N ILE A 185 -6.49 9.56 13.47
CA ILE A 185 -5.59 10.13 14.46
C ILE A 185 -6.23 11.37 15.10
N ASP A 186 -6.06 11.57 16.41
CA ASP A 186 -6.60 12.78 17.05
C ASP A 186 -5.69 13.97 16.80
N PRO A 187 -6.21 15.04 16.19
CA PRO A 187 -5.37 16.19 15.86
C PRO A 187 -4.88 16.92 17.10
N LYS A 188 -5.50 16.68 18.26
CA LYS A 188 -5.05 17.30 19.49
C LYS A 188 -3.72 16.71 19.93
N ASP A 189 -3.37 15.54 19.36
CA ASP A 189 -2.09 14.87 19.64
C ASP A 189 -0.97 15.33 18.72
N LEU A 190 -1.28 16.25 17.81
CA LEU A 190 -0.29 16.80 16.90
C LEU A 190 0.22 18.15 17.35
N THR A 191 1.54 18.29 17.32
CA THR A 191 2.22 19.55 17.49
C THR A 191 2.86 19.95 16.17
N PHE A 192 2.64 21.18 15.73
CA PHE A 192 3.25 21.67 14.49
C PHE A 192 4.53 22.45 14.77
N LEU A 193 5.58 22.13 14.03
CA LEU A 193 6.90 22.71 14.31
C LEU A 193 7.50 23.49 13.14
N LYS A 194 7.21 23.07 11.92
CA LYS A 194 7.82 23.73 10.77
C LYS A 194 6.92 23.65 9.55
N GLU A 195 6.96 24.71 8.74
CA GLU A 195 6.34 24.74 7.42
C GLU A 195 7.19 23.99 6.41
N LEU A 196 6.56 23.08 5.63
CA LEU A 196 7.29 22.35 4.60
C LEU A 196 6.95 22.79 3.18
N GLY A 197 6.18 23.85 3.03
CA GLY A 197 5.79 24.34 1.72
C GLY A 197 4.39 23.91 1.35
N THR A 198 4.10 23.98 0.06
CA THR A 198 2.76 23.66 -0.45
C THR A 198 2.86 22.76 -1.68
N GLY A 199 1.81 21.97 -1.87
CA GLY A 199 1.67 21.12 -3.03
C GLY A 199 0.27 21.21 -3.64
N GLN A 200 -0.09 20.21 -4.42
CA GLN A 200 -1.36 20.20 -5.15
C GLN A 200 -2.58 20.31 -4.22
N PHE A 201 -2.45 19.86 -2.97
CA PHE A 201 -3.55 19.88 -2.03
C PHE A 201 -3.33 20.91 -0.94
N GLY A 202 -2.35 21.79 -1.11
CA GLY A 202 -2.14 22.89 -0.18
C GLY A 202 -0.96 22.74 0.74
N VAL A 203 -1.14 23.18 1.98
CA VAL A 203 -0.08 23.28 2.96
C VAL A 203 0.39 21.92 3.51
N VAL A 204 1.69 21.78 3.72
CA VAL A 204 2.25 20.63 4.42
C VAL A 204 3.15 21.11 5.55
N LYS A 205 3.07 20.46 6.70
CA LYS A 205 3.88 20.83 7.87
C LYS A 205 4.57 19.62 8.46
N TYR A 206 5.64 19.91 9.20
CA TYR A 206 6.35 18.94 10.02
C TYR A 206 5.91 19.14 11.45
N GLY A 207 5.69 18.03 12.13
CA GLY A 207 5.33 18.09 13.53
C GLY A 207 5.60 16.79 14.27
N LYS A 208 5.08 16.73 15.49
CA LYS A 208 5.19 15.55 16.33
C LYS A 208 3.84 15.00 16.70
N TRP A 209 3.77 13.68 16.80
CA TRP A 209 2.60 12.96 17.30
C TRP A 209 2.90 12.54 18.72
N ARG A 210 2.07 13.00 19.66
CA ARG A 210 2.24 12.73 21.08
C ARG A 210 3.64 13.10 21.53
N GLY A 211 4.10 14.22 21.04
CA GLY A 211 5.32 14.84 21.48
C GLY A 211 6.59 14.09 21.20
N GLN A 212 6.50 12.94 20.59
CA GLN A 212 7.69 12.15 20.36
C GLN A 212 8.00 11.66 18.96
N TYR A 213 6.98 11.41 18.16
CA TYR A 213 7.19 10.79 16.86
C TYR A 213 7.09 11.79 15.73
N ASP A 214 8.12 11.87 14.89
CA ASP A 214 8.12 12.80 13.77
C ASP A 214 7.09 12.39 12.72
N VAL A 215 6.37 13.38 12.21
CA VAL A 215 5.39 13.16 11.17
C VAL A 215 5.29 14.37 10.25
N ALA A 216 4.72 14.13 9.08
CA ALA A 216 4.41 15.17 8.12
C ALA A 216 2.89 15.23 8.09
N ILE A 217 2.35 16.43 8.01
CA ILE A 217 0.92 16.65 8.07
C ILE A 217 0.52 17.36 6.79
N LYS A 218 -0.23 16.67 5.93
CA LYS A 218 -0.68 17.26 4.69
C LYS A 218 -2.07 17.81 5.02
N MET A 219 -2.24 19.12 4.95
CA MET A 219 -3.51 19.75 5.24
C MET A 219 -4.21 19.98 3.92
N ILE A 220 -5.36 19.35 3.77
CA ILE A 220 -6.03 19.36 2.50
C ILE A 220 -6.92 20.57 2.28
N LYS A 221 -6.48 21.44 1.40
CA LYS A 221 -7.24 22.62 1.04
C LYS A 221 -8.61 22.23 0.58
N GLU A 222 -9.63 22.84 1.18
CA GLU A 222 -10.99 22.50 0.83
C GLU A 222 -11.22 22.86 -0.62
N GLY A 223 -11.88 21.94 -1.33
CA GLY A 223 -12.11 22.09 -2.76
C GLY A 223 -11.03 21.58 -3.69
N SER A 224 -9.92 21.10 -3.13
CA SER A 224 -8.81 20.63 -3.94
C SER A 224 -8.86 19.11 -4.17
N MET A 225 -9.56 18.40 -3.31
CA MET A 225 -9.55 16.94 -3.29
C MET A 225 -10.95 16.35 -3.29
N SER A 226 -11.08 15.17 -3.88
CA SER A 226 -12.32 14.41 -3.83
C SER A 226 -12.15 13.64 -2.52
N GLU A 227 -12.49 14.29 -1.43
CA GLU A 227 -12.28 13.75 -0.11
C GLU A 227 -13.02 12.48 0.25
N ASP A 228 -14.27 12.38 -0.12
CA ASP A 228 -14.99 11.16 0.23
C ASP A 228 -14.38 9.92 -0.45
N GLU A 229 -13.99 10.05 -1.72
CA GLU A 229 -13.33 8.95 -2.41
C GLU A 229 -11.99 8.61 -1.78
N PHE A 230 -11.19 9.62 -1.47
CA PHE A 230 -9.93 9.32 -0.80
C PHE A 230 -10.15 8.61 0.56
N ILE A 231 -11.07 9.11 1.35
CA ILE A 231 -11.30 8.56 2.69
C ILE A 231 -11.72 7.09 2.63
N GLU A 232 -12.59 6.75 1.72
CA GLU A 232 -13.01 5.37 1.55
C GLU A 232 -11.90 4.50 0.97
N GLU A 233 -11.23 5.03 -0.04
CA GLU A 233 -10.21 4.32 -0.75
C GLU A 233 -8.92 4.15 0.02
N ALA A 234 -8.84 4.84 1.14
CA ALA A 234 -7.73 4.71 2.05
C ALA A 234 -7.74 3.26 2.60
N LYS A 235 -8.87 2.57 2.51
CA LYS A 235 -8.92 1.14 2.92
C LYS A 235 -7.89 0.32 2.14
N VAL A 236 -7.60 0.71 0.91
CA VAL A 236 -6.57 0.02 0.14
C VAL A 236 -5.18 0.60 0.44
N MET A 237 -5.08 1.92 0.51
CA MET A 237 -3.77 2.54 0.64
C MET A 237 -3.17 2.25 2.02
N MET A 238 -4.02 1.94 2.99
CA MET A 238 -3.54 1.64 4.33
C MET A 238 -2.87 0.27 4.37
N ASN A 239 -3.07 -0.54 3.33
CA ASN A 239 -2.41 -1.85 3.25
C ASN A 239 -1.07 -1.79 2.49
N LEU A 240 -0.71 -0.64 1.95
CA LEU A 240 0.54 -0.52 1.21
C LEU A 240 1.63 -0.15 2.18
N SER A 241 2.66 -0.99 2.26
CA SER A 241 3.72 -0.78 3.21
C SER A 241 4.99 -1.40 2.67
N HIS A 242 6.00 -0.55 2.48
CA HIS A 242 7.29 -0.98 1.99
C HIS A 242 8.32 0.03 2.45
N GLU A 243 9.54 -0.44 2.70
CA GLU A 243 10.60 0.40 3.22
C GLU A 243 10.91 1.61 2.33
N LYS A 244 10.60 1.50 1.05
CA LYS A 244 10.94 2.57 0.09
C LYS A 244 9.68 3.33 -0.41
N LEU A 245 8.56 3.13 0.29
CA LEU A 245 7.33 3.92 0.12
C LEU A 245 7.12 4.80 1.32
N VAL A 246 6.85 6.07 1.11
CA VAL A 246 6.52 6.95 2.22
C VAL A 246 5.28 6.40 2.95
N GLN A 247 5.43 6.12 4.23
CA GLN A 247 4.38 5.42 4.97
C GLN A 247 3.24 6.34 5.33
N LEU A 248 2.03 5.94 4.98
CA LEU A 248 0.82 6.57 5.44
C LEU A 248 0.45 6.05 6.83
N TYR A 249 0.33 6.95 7.81
CA TYR A 249 0.06 6.57 9.20
C TYR A 249 -1.42 6.64 9.55
N GLY A 250 -2.13 7.60 8.95
CA GLY A 250 -3.54 7.78 9.24
C GLY A 250 -4.04 9.13 8.77
N VAL A 251 -5.25 9.48 9.22
CA VAL A 251 -5.94 10.66 8.77
C VAL A 251 -6.64 11.37 9.92
N CYS A 252 -6.96 12.65 9.74
CA CYS A 252 -7.83 13.39 10.64
C CYS A 252 -8.98 13.98 9.82
N THR A 253 -10.17 13.41 9.94
CA THR A 253 -11.26 13.77 9.04
C THR A 253 -12.48 14.32 9.76
N LYS A 254 -12.35 14.51 11.07
CA LYS A 254 -13.45 15.04 11.87
C LYS A 254 -13.29 16.54 12.14
N GLN A 255 -12.60 17.22 11.22
CA GLN A 255 -12.38 18.66 11.28
C GLN A 255 -12.23 19.20 9.88
N ARG A 256 -12.22 20.53 9.77
CA ARG A 256 -11.98 21.23 8.51
C ARG A 256 -10.73 22.10 8.63
N PRO A 257 -9.73 21.91 7.75
CA PRO A 257 -9.64 20.89 6.70
C PRO A 257 -9.25 19.54 7.27
N ILE A 258 -9.28 18.51 6.45
CA ILE A 258 -8.83 17.21 6.88
C ILE A 258 -7.31 17.15 6.76
N PHE A 259 -6.70 16.21 7.46
CA PHE A 259 -5.26 16.01 7.44
C PHE A 259 -4.92 14.59 7.02
N ILE A 260 -3.77 14.44 6.36
CA ILE A 260 -3.22 13.14 6.00
C ILE A 260 -1.88 13.13 6.72
N ILE A 261 -1.63 12.09 7.51
CA ILE A 261 -0.45 12.01 8.34
C ILE A 261 0.48 10.93 7.81
N THR A 262 1.73 11.30 7.56
CA THR A 262 2.69 10.43 6.92
C THR A 262 4.04 10.48 7.61
N GLU A 263 4.88 9.56 7.19
CA GLU A 263 6.30 9.55 7.52
C GLU A 263 6.91 10.89 7.11
N TYR A 264 7.82 11.40 7.92
CA TYR A 264 8.53 12.64 7.66
C TYR A 264 9.86 12.39 6.99
N MET A 265 10.14 13.11 5.91
CA MET A 265 11.38 12.96 5.17
C MET A 265 12.12 14.29 5.21
N ALA A 266 13.15 14.35 6.03
CA ALA A 266 13.86 15.58 6.32
C ALA A 266 14.56 16.29 5.22
N ASN A 267 14.97 15.55 4.20
CA ASN A 267 15.72 16.14 3.12
C ASN A 267 14.90 16.63 1.93
N GLY A 268 13.60 16.54 2.04
CA GLY A 268 12.74 17.08 1.01
C GLY A 268 12.60 16.30 -0.25
N CYS A 269 12.15 16.96 -1.30
CA CYS A 269 11.90 16.22 -2.52
C CYS A 269 13.19 15.97 -3.27
N LEU A 270 13.20 14.81 -3.93
CA LEU A 270 14.36 14.36 -4.66
C LEU A 270 14.82 15.38 -5.69
N LEU A 271 13.88 16.04 -6.38
CA LEU A 271 14.29 16.95 -7.44
C LEU A 271 15.15 18.08 -6.86
N ASN A 272 14.71 18.67 -5.75
CA ASN A 272 15.50 19.74 -5.13
C ASN A 272 16.80 19.22 -4.52
N TYR A 273 16.77 17.98 -3.99
CA TYR A 273 17.96 17.32 -3.47
C TYR A 273 19.03 17.18 -4.56
N LEU A 274 18.62 16.71 -5.73
CA LEU A 274 19.52 16.58 -6.88
C LEU A 274 20.12 17.90 -7.33
N ARG A 275 19.33 18.96 -7.22
CA ARG A 275 19.75 20.28 -7.68
C ARG A 275 20.63 21.02 -6.65
N GLU A 276 20.78 20.44 -5.46
CA GLU A 276 21.71 20.96 -4.46
C GLU A 276 23.12 20.47 -4.82
N MET A 277 23.83 21.31 -5.59
CA MET A 277 25.15 20.96 -6.15
C MET A 277 26.14 20.53 -5.08
N ARG A 278 26.06 21.10 -3.88
CA ARG A 278 27.03 20.78 -2.85
C ARG A 278 27.16 19.29 -2.52
N HIS A 279 26.12 18.50 -2.78
CA HIS A 279 26.21 17.07 -2.46
C HIS A 279 27.32 16.37 -3.27
N ARG A 280 27.54 16.83 -4.49
CA ARG A 280 28.58 16.28 -5.33
C ARG A 280 28.56 14.76 -5.35
N PHE A 281 27.39 14.25 -5.70
CA PHE A 281 27.16 12.82 -5.69
C PHE A 281 28.06 12.03 -6.61
N GLN A 282 28.46 10.86 -6.12
CA GLN A 282 29.21 9.88 -6.88
C GLN A 282 28.15 9.13 -7.69
N THR A 283 28.52 8.56 -8.82
CA THR A 283 27.53 7.83 -9.60
C THR A 283 27.00 6.58 -8.87
N GLN A 284 27.78 5.99 -7.95
CA GLN A 284 27.21 4.91 -7.12
C GLN A 284 26.03 5.38 -6.28
N GLN A 285 26.11 6.63 -5.80
CA GLN A 285 25.02 7.20 -5.00
C GLN A 285 23.79 7.40 -5.88
N LEU A 286 24.00 7.86 -7.11
CA LEU A 286 22.90 8.05 -8.03
C LEU A 286 22.22 6.72 -8.35
N LEU A 287 23.01 5.68 -8.57
CA LEU A 287 22.42 4.38 -8.85
C LEU A 287 21.60 3.85 -7.67
N GLU A 288 22.08 4.11 -6.46
CA GLU A 288 21.35 3.72 -5.26
C GLU A 288 19.99 4.41 -5.17
N MET A 289 19.90 5.66 -5.60
CA MET A 289 18.63 6.37 -5.65
C MET A 289 17.68 5.66 -6.61
N CYS A 290 18.19 5.28 -7.77
CA CYS A 290 17.39 4.54 -8.74
C CYS A 290 16.90 3.20 -8.19
N LYS A 291 17.78 2.48 -7.50
CA LYS A 291 17.43 1.22 -6.89
C LYS A 291 16.33 1.40 -5.86
N ASP A 292 16.44 2.43 -5.01
CA ASP A 292 15.43 2.71 -3.98
C ASP A 292 14.04 2.83 -4.64
N VAL A 293 13.96 3.66 -5.68
CA VAL A 293 12.71 3.96 -6.33
C VAL A 293 12.18 2.71 -7.03
N CYS A 294 13.08 1.98 -7.66
CA CYS A 294 12.69 0.77 -8.37
C CYS A 294 12.13 -0.30 -7.41
N GLU A 295 12.71 -0.40 -6.22
CA GLU A 295 12.19 -1.32 -5.22
C GLU A 295 10.75 -0.96 -4.81
N ALA A 296 10.49 0.33 -4.59
CA ALA A 296 9.14 0.79 -4.27
C ALA A 296 8.17 0.48 -5.38
N MET A 297 8.60 0.72 -6.60
CA MET A 297 7.73 0.52 -7.75
C MET A 297 7.49 -0.98 -8.03
N GLU A 298 8.49 -1.83 -7.78
CA GLU A 298 8.30 -3.29 -7.88
C GLU A 298 7.24 -3.72 -6.89
N TYR A 299 7.26 -3.12 -5.69
CA TYR A 299 6.26 -3.46 -4.69
C TYR A 299 4.86 -3.03 -5.15
N LEU A 300 4.72 -1.79 -5.59
CA LEU A 300 3.41 -1.32 -6.09
C LEU A 300 2.92 -2.15 -7.29
N GLU A 301 3.82 -2.49 -8.21
CA GLU A 301 3.47 -3.34 -9.36
C GLU A 301 2.94 -4.69 -8.87
N SER A 302 3.53 -5.24 -7.80
CA SER A 302 3.12 -6.53 -7.27
C SER A 302 1.72 -6.46 -6.63
N LYS A 303 1.29 -5.24 -6.28
CA LYS A 303 -0.04 -5.01 -5.70
C LYS A 303 -1.01 -4.45 -6.75
N GLN A 304 -0.59 -4.46 -8.01
CA GLN A 304 -1.33 -3.90 -9.12
C GLN A 304 -1.82 -2.46 -8.85
N PHE A 305 -0.94 -1.65 -8.30
CA PHE A 305 -1.28 -0.30 -7.89
C PHE A 305 -0.42 0.68 -8.68
N LEU A 306 -1.05 1.56 -9.44
CA LEU A 306 -0.32 2.54 -10.26
C LEU A 306 -0.02 3.82 -9.49
N HIS A 307 1.15 4.39 -9.76
CA HIS A 307 1.45 5.71 -9.21
C HIS A 307 0.71 6.83 -9.97
N ARG A 308 0.94 6.86 -11.29
CA ARG A 308 0.39 7.80 -12.28
C ARG A 308 1.01 9.21 -12.31
N ASP A 309 1.92 9.53 -11.39
CA ASP A 309 2.72 10.76 -11.53
C ASP A 309 4.09 10.52 -10.90
N LEU A 310 4.75 9.47 -11.37
CA LEU A 310 6.11 9.19 -10.91
C LEU A 310 7.09 10.16 -11.57
N ALA A 311 7.91 10.80 -10.74
CA ALA A 311 8.85 11.83 -11.15
C ALA A 311 9.71 12.18 -9.94
N ALA A 312 10.88 12.78 -10.16
CA ALA A 312 11.73 13.13 -9.03
C ALA A 312 11.04 14.08 -8.05
N ARG A 313 10.18 14.95 -8.57
CA ARG A 313 9.45 15.85 -7.69
C ARG A 313 8.49 15.12 -6.73
N ASN A 314 8.15 13.88 -7.06
CA ASN A 314 7.24 13.07 -6.26
C ASN A 314 7.92 11.94 -5.46
N CYS A 315 9.21 12.09 -5.25
CA CYS A 315 10.00 11.22 -4.42
C CYS A 315 10.57 12.13 -3.33
N LEU A 316 10.77 11.57 -2.16
CA LEU A 316 11.31 12.33 -1.02
C LEU A 316 12.55 11.64 -0.49
N VAL A 317 13.34 12.40 0.25
CA VAL A 317 14.61 11.92 0.78
C VAL A 317 14.66 12.11 2.28
N ASN A 318 14.98 11.04 3.03
CA ASN A 318 15.05 11.17 4.48
C ASN A 318 16.44 11.61 4.94
N ASP A 319 16.62 11.72 6.25
CA ASP A 319 17.87 12.27 6.76
C ASP A 319 19.05 11.31 6.61
N GLN A 320 18.77 10.07 6.22
CA GLN A 320 19.79 9.09 5.91
C GLN A 320 20.16 9.05 4.44
N GLY A 321 19.50 9.89 3.63
CA GLY A 321 19.75 9.89 2.19
C GLY A 321 19.00 8.85 1.37
N VAL A 322 18.09 8.12 2.02
CA VAL A 322 17.28 7.10 1.37
C VAL A 322 16.11 7.78 0.66
N VAL A 323 15.91 7.41 -0.59
CA VAL A 323 14.85 7.92 -1.42
C VAL A 323 13.62 7.03 -1.28
N LYS A 324 12.45 7.65 -1.13
CA LYS A 324 11.20 6.91 -1.09
C LYS A 324 10.14 7.56 -1.96
N VAL A 325 9.28 6.73 -2.52
CA VAL A 325 8.23 7.20 -3.43
C VAL A 325 7.04 7.75 -2.62
N SER A 326 6.56 8.94 -3.03
CA SER A 326 5.51 9.65 -2.30
CA SER A 326 5.52 9.67 -2.31
C SER A 326 4.28 9.88 -3.18
N ASP A 327 3.13 10.02 -2.52
CA ASP A 327 1.86 10.42 -3.15
C ASP A 327 1.41 9.53 -4.31
N PHE A 328 1.76 8.25 -4.20
CA PHE A 328 1.29 7.23 -5.12
C PHE A 328 -0.23 7.11 -5.02
N GLY A 329 -0.88 7.06 -6.18
CA GLY A 329 -2.33 6.93 -6.22
C GLY A 329 -3.15 8.18 -5.93
N MET A 330 -2.48 9.28 -5.60
CA MET A 330 -3.21 10.47 -5.17
C MET A 330 -3.72 11.32 -6.32
N THR A 331 -3.21 11.12 -7.53
CA THR A 331 -3.69 11.86 -8.69
C THR A 331 -5.18 11.67 -8.89
N ARG A 332 -5.67 10.52 -8.44
CA ARG A 332 -7.06 10.13 -8.67
C ARG A 332 -8.05 11.05 -7.97
N TYR A 333 -7.57 11.83 -7.01
CA TYR A 333 -8.44 12.67 -6.19
C TYR A 333 -8.26 14.16 -6.44
N VAL A 334 -7.44 14.53 -7.41
CA VAL A 334 -7.17 15.94 -7.71
C VAL A 334 -8.36 16.56 -8.46
N LEU A 335 -8.93 17.64 -7.94
CA LEU A 335 -10.08 18.25 -8.63
C LEU A 335 -9.71 19.29 -9.72
N ASP A 336 -8.47 19.72 -9.74
CA ASP A 336 -7.99 20.78 -10.67
C ASP A 336 -7.83 20.29 -12.10
N ASP A 337 -8.64 20.80 -13.02
CA ASP A 337 -8.57 20.33 -14.40
C ASP A 337 -7.30 20.77 -15.13
N GLU A 338 -6.60 21.80 -14.64
CA GLU A 338 -5.34 22.20 -15.24
C GLU A 338 -4.28 21.14 -14.94
N TYR A 339 -4.48 20.37 -13.87
CA TYR A 339 -3.58 19.26 -13.56
C TYR A 339 -4.05 18.00 -14.29
N THR A 340 -5.35 17.73 -14.26
CA THR A 340 -5.84 16.45 -14.73
C THR A 340 -5.84 16.34 -16.26
N SER A 341 -6.19 17.42 -16.97
CA SER A 341 -6.18 17.42 -18.43
C SER A 341 -4.79 17.14 -19.01
N SER A 342 -4.69 16.25 -19.99
CA SER A 342 -3.39 15.89 -20.54
C SER A 342 -2.73 17.03 -21.32
N THR A 343 -3.50 18.09 -21.56
CA THR A 343 -2.95 19.31 -22.16
C THR A 343 -3.02 20.50 -21.20
N GLY A 344 -3.33 20.22 -19.93
CA GLY A 344 -3.41 21.28 -18.94
C GLY A 344 -2.02 21.76 -18.57
N SER A 345 -1.94 22.97 -18.03
CA SER A 345 -0.67 23.59 -17.75
C SER A 345 0.13 22.85 -16.68
N LYS A 346 -0.56 22.14 -15.78
CA LYS A 346 0.07 21.46 -14.66
C LYS A 346 0.22 19.95 -14.88
N PHE A 347 -0.28 19.43 -15.99
CA PHE A 347 -0.16 17.99 -16.25
C PHE A 347 1.31 17.65 -16.51
N PRO A 348 1.79 16.51 -15.97
CA PRO A 348 3.21 16.15 -16.13
C PRO A 348 3.52 15.55 -17.52
N VAL A 349 3.38 16.38 -18.56
CA VAL A 349 3.52 15.95 -19.94
C VAL A 349 4.86 15.27 -20.19
N LYS A 350 5.93 15.81 -19.63
CA LYS A 350 7.27 15.37 -19.99
C LYS A 350 7.67 14.04 -19.33
N TRP A 351 6.79 13.50 -18.48
CA TRP A 351 6.95 12.17 -17.89
C TRP A 351 5.93 11.14 -18.45
N ALA A 352 5.08 11.58 -19.37
CA ALA A 352 3.95 10.79 -19.86
C ALA A 352 4.32 9.99 -21.09
N SER A 353 3.97 8.71 -21.10
CA SER A 353 4.20 7.88 -22.27
C SER A 353 3.31 8.36 -23.43
N PRO A 354 3.68 8.02 -24.66
CA PRO A 354 2.87 8.44 -25.81
C PRO A 354 1.41 8.00 -25.72
N GLU A 355 1.17 6.78 -25.27
CA GLU A 355 -0.17 6.24 -25.15
C GLU A 355 -1.02 7.00 -24.12
N VAL A 356 -0.39 7.49 -23.07
CA VAL A 356 -1.10 8.30 -22.10
C VAL A 356 -1.54 9.61 -22.77
N LEU A 357 -0.63 10.26 -23.45
CA LEU A 357 -0.95 11.53 -24.07
C LEU A 357 -1.97 11.43 -25.17
N MET A 358 -1.79 10.45 -26.03
CA MET A 358 -2.69 10.22 -27.15
C MET A 358 -4.08 9.62 -26.86
N TYR A 359 -4.12 8.62 -25.99
CA TYR A 359 -5.36 7.90 -25.71
C TYR A 359 -5.79 7.72 -24.27
N SER A 360 -5.14 8.38 -23.34
CA SER A 360 -5.32 8.13 -21.90
C SER A 360 -5.22 6.65 -21.53
N LYS A 361 -4.23 5.97 -22.10
CA LYS A 361 -3.95 4.59 -21.79
C LYS A 361 -2.96 4.48 -20.65
N PHE A 362 -3.50 4.31 -19.44
CA PHE A 362 -2.69 4.19 -18.23
C PHE A 362 -2.50 2.73 -17.88
N SER A 363 -1.28 2.35 -17.53
CA SER A 363 -0.98 0.97 -17.19
C SER A 363 0.32 0.92 -16.40
N SER A 364 0.71 -0.28 -15.98
CA SER A 364 2.01 -0.46 -15.35
C SER A 364 3.09 0.11 -16.27
N LYS A 365 2.87 0.00 -17.58
CA LYS A 365 3.89 0.42 -18.54
C LYS A 365 4.01 1.94 -18.71
N SER A 366 2.98 2.70 -18.35
CA SER A 366 3.15 4.15 -18.34
C SER A 366 3.95 4.53 -17.09
N ASP A 367 3.78 3.82 -15.96
CA ASP A 367 4.66 4.06 -14.81
C ASP A 367 6.12 3.70 -15.19
N ILE A 368 6.33 2.66 -15.99
CA ILE A 368 7.68 2.28 -16.43
C ILE A 368 8.32 3.41 -17.23
N TRP A 369 7.58 3.97 -18.19
CA TRP A 369 8.05 5.10 -18.95
C TRP A 369 8.51 6.24 -18.02
N ALA A 370 7.63 6.62 -17.10
CA ALA A 370 7.94 7.70 -16.17
C ALA A 370 9.19 7.40 -15.31
N PHE A 371 9.36 6.14 -14.91
CA PHE A 371 10.54 5.72 -14.16
C PHE A 371 11.80 5.97 -14.96
N GLY A 372 11.76 5.68 -16.25
CA GLY A 372 12.89 5.99 -17.10
C GLY A 372 13.26 7.46 -17.10
N VAL A 373 12.26 8.34 -17.20
CA VAL A 373 12.51 9.77 -17.18
C VAL A 373 13.10 10.14 -15.82
N LEU A 374 12.58 9.54 -14.76
CA LEU A 374 13.10 9.79 -13.41
C LEU A 374 14.59 9.39 -13.27
N MET A 375 14.94 8.21 -13.82
CA MET A 375 16.36 7.83 -13.87
C MET A 375 17.20 8.86 -14.62
N TRP A 376 16.66 9.35 -15.73
CA TRP A 376 17.34 10.40 -16.48
C TRP A 376 17.51 11.66 -15.62
N GLU A 377 16.48 12.05 -14.87
CA GLU A 377 16.57 13.20 -13.96
C GLU A 377 17.70 13.01 -12.96
N ILE A 378 17.78 11.82 -12.38
CA ILE A 378 18.77 11.51 -11.36
C ILE A 378 20.17 11.64 -11.96
N TYR A 379 20.41 11.04 -13.12
CA TYR A 379 21.76 11.11 -13.70
C TYR A 379 22.08 12.45 -14.34
N SER A 380 21.06 13.29 -14.53
CA SER A 380 21.23 14.67 -15.02
C SER A 380 21.23 15.69 -13.88
N LEU A 381 21.29 15.19 -12.65
CA LEU A 381 21.26 16.04 -11.45
C LEU A 381 20.10 17.06 -11.47
N GLY A 382 18.92 16.60 -11.87
CA GLY A 382 17.74 17.42 -11.73
C GLY A 382 17.46 18.36 -12.89
N LYS A 383 18.16 18.18 -13.99
CA LYS A 383 17.85 18.94 -15.20
C LYS A 383 16.42 18.68 -15.65
N MET A 384 15.81 19.71 -16.21
CA MET A 384 14.49 19.56 -16.83
C MET A 384 14.60 18.70 -18.08
N PRO A 385 13.75 17.67 -18.19
CA PRO A 385 13.81 16.88 -19.42
C PRO A 385 13.33 17.66 -20.64
N TYR A 386 13.91 17.32 -21.79
CA TYR A 386 13.55 17.96 -23.06
C TYR A 386 13.57 19.50 -22.93
N GLU A 387 14.68 20.04 -22.44
CA GLU A 387 14.73 21.45 -22.05
C GLU A 387 14.45 22.40 -23.21
N ARG A 388 14.82 22.02 -24.41
CA ARG A 388 14.60 22.86 -25.58
C ARG A 388 13.15 22.90 -26.04
N PHE A 389 12.32 22.02 -25.50
CA PHE A 389 10.94 21.91 -25.93
C PHE A 389 9.89 22.25 -24.89
N THR A 390 8.79 22.81 -25.36
CA THR A 390 7.64 23.09 -24.54
C THR A 390 6.90 21.78 -24.35
N ASN A 391 5.97 21.74 -23.40
CA ASN A 391 5.13 20.56 -23.24
C ASN A 391 4.45 20.11 -24.55
N SER A 392 3.82 21.03 -25.29
CA SER A 392 3.11 20.62 -26.50
C SER A 392 4.06 20.07 -27.53
N GLU A 393 5.25 20.66 -27.65
CA GLU A 393 6.25 20.16 -28.59
C GLU A 393 6.75 18.78 -28.18
N THR A 394 6.94 18.60 -26.89
CA THR A 394 7.42 17.32 -26.37
C THR A 394 6.41 16.24 -26.72
N ALA A 395 5.14 16.50 -26.45
CA ALA A 395 4.09 15.53 -26.71
C ALA A 395 4.12 15.10 -28.17
N GLU A 396 4.30 16.06 -29.06
CA GLU A 396 4.30 15.76 -30.49
C GLU A 396 5.53 14.93 -30.88
N HIS A 397 6.71 15.36 -30.43
CA HIS A 397 7.95 14.74 -30.86
C HIS A 397 8.24 13.40 -30.19
N ILE A 398 7.87 13.19 -28.92
CA ILE A 398 8.14 11.88 -28.33
C ILE A 398 7.27 10.79 -29.00
N ALA A 399 6.07 11.16 -29.48
CA ALA A 399 5.23 10.21 -30.19
C ALA A 399 5.83 9.87 -31.54
N GLN A 400 6.68 10.75 -32.06
CA GLN A 400 7.37 10.47 -33.33
C GLN A 400 8.65 9.66 -33.17
N GLY A 401 9.26 9.71 -31.99
CA GLY A 401 10.51 9.00 -31.74
C GLY A 401 11.62 9.77 -31.06
N LEU A 402 11.36 11.03 -30.68
CA LEU A 402 12.33 11.78 -29.88
C LEU A 402 12.52 11.08 -28.55
N ARG A 403 13.79 10.95 -28.12
CA ARG A 403 14.11 10.38 -26.82
C ARG A 403 15.18 11.21 -26.09
N LEU A 404 15.19 11.09 -24.77
CA LEU A 404 16.17 11.78 -23.96
C LEU A 404 17.56 11.19 -24.22
N PRO A 405 18.55 12.06 -24.42
CA PRO A 405 19.90 11.54 -24.67
C PRO A 405 20.60 11.06 -23.42
N ARG A 406 21.68 10.31 -23.60
CA ARG A 406 22.44 9.79 -22.47
C ARG A 406 23.03 10.94 -21.62
N PRO A 407 22.68 11.01 -20.32
CA PRO A 407 23.40 11.96 -19.45
C PRO A 407 24.90 11.63 -19.36
N HIS A 408 25.72 12.67 -19.27
CA HIS A 408 27.16 12.48 -19.16
C HIS A 408 27.57 11.51 -18.04
N LEU A 409 26.87 11.57 -16.91
CA LEU A 409 27.21 10.70 -15.80
C LEU A 409 26.72 9.27 -15.92
N ALA A 410 25.88 8.98 -16.91
CA ALA A 410 25.40 7.62 -17.12
C ALA A 410 26.32 6.86 -18.06
N SER A 411 26.75 5.69 -17.61
CA SER A 411 27.44 4.71 -18.45
C SER A 411 26.50 4.19 -19.54
N GLU A 412 27.06 3.52 -20.53
CA GLU A 412 26.22 2.94 -21.57
C GLU A 412 25.26 1.95 -20.95
N ARG A 413 25.74 1.18 -19.98
CA ARG A 413 24.91 0.18 -19.32
C ARG A 413 23.75 0.78 -18.54
N VAL A 414 24.02 1.87 -17.83
CA VAL A 414 22.97 2.59 -17.11
C VAL A 414 21.98 3.20 -18.09
N TYR A 415 22.48 3.82 -19.15
CA TYR A 415 21.60 4.43 -20.14
C TYR A 415 20.68 3.38 -20.78
N ALA A 416 21.21 2.18 -21.00
CA ALA A 416 20.41 1.12 -21.61
C ALA A 416 19.18 0.80 -20.73
N ILE A 417 19.34 0.89 -19.41
CA ILE A 417 18.22 0.61 -18.51
C ILE A 417 17.13 1.67 -18.69
N MET A 418 17.50 2.94 -18.63
CA MET A 418 16.48 3.97 -18.70
C MET A 418 15.89 3.97 -20.12
N TYR A 419 16.73 3.72 -21.12
CA TYR A 419 16.27 3.75 -22.52
C TYR A 419 15.24 2.64 -22.80
N SER A 420 15.38 1.51 -22.13
CA SER A 420 14.46 0.39 -22.29
C SER A 420 13.03 0.73 -21.81
N CYS A 421 12.95 1.75 -20.96
CA CYS A 421 11.67 2.20 -20.44
C CYS A 421 10.82 2.97 -21.45
N TRP A 422 11.43 3.37 -22.56
CA TRP A 422 10.78 4.25 -23.51
C TRP A 422 10.49 3.59 -24.87
N HIS A 423 10.32 2.28 -24.88
CA HIS A 423 9.93 1.63 -26.13
C HIS A 423 8.56 2.15 -26.59
N GLU A 424 8.42 2.32 -27.90
CA GLU A 424 7.19 2.83 -28.48
C GLU A 424 6.00 1.88 -28.25
N LYS A 425 6.29 0.60 -28.11
CA LYS A 425 5.29 -0.39 -27.74
C LYS A 425 5.35 -0.69 -26.25
N ALA A 426 4.28 -0.36 -25.54
CA ALA A 426 4.26 -0.56 -24.09
C ALA A 426 4.61 -2.00 -23.70
N ASP A 427 4.14 -2.98 -24.45
CA ASP A 427 4.39 -4.37 -24.09
C ASP A 427 5.83 -4.82 -24.26
N GLU A 428 6.68 -4.01 -24.88
CA GLU A 428 8.09 -4.33 -25.02
CA GLU A 428 8.09 -4.35 -25.01
C GLU A 428 8.94 -3.63 -23.96
N ARG A 429 8.26 -2.80 -23.18
CA ARG A 429 8.87 -2.26 -21.98
C ARG A 429 8.96 -3.33 -20.89
N PRO A 430 10.12 -3.18 -20.14
CA PRO A 430 10.31 -4.15 -19.05
C PRO A 430 9.40 -3.93 -17.84
N THR A 431 9.33 -4.93 -16.95
CA THR A 431 8.65 -4.78 -15.68
C THR A 431 9.59 -4.14 -14.66
N PHE A 432 9.07 -3.71 -13.52
CA PHE A 432 9.96 -3.19 -12.48
C PHE A 432 10.84 -4.30 -11.89
N LYS A 433 10.34 -5.54 -11.87
CA LYS A 433 11.18 -6.66 -11.42
C LYS A 433 12.40 -6.81 -12.32
N ILE A 434 12.21 -6.72 -13.64
CA ILE A 434 13.33 -6.82 -14.57
C ILE A 434 14.27 -5.62 -14.42
N LEU A 435 13.71 -4.40 -14.29
CA LEU A 435 14.55 -3.21 -14.11
C LEU A 435 15.42 -3.34 -12.87
N LEU A 436 14.83 -3.83 -11.77
CA LEU A 436 15.56 -3.94 -10.53
C LEU A 436 16.72 -4.90 -10.71
N SER A 437 16.45 -6.01 -11.42
CA SER A 437 17.49 -6.98 -11.72
C SER A 437 18.63 -6.37 -12.54
N ASN A 438 18.27 -5.55 -13.52
CA ASN A 438 19.25 -4.84 -14.32
C ASN A 438 20.09 -3.87 -13.49
N ILE A 439 19.43 -3.11 -12.60
CA ILE A 439 20.13 -2.17 -11.72
C ILE A 439 21.09 -2.92 -10.79
N LEU A 440 20.64 -4.04 -10.23
CA LEU A 440 21.52 -4.77 -9.32
C LEU A 440 22.71 -5.35 -10.07
N ASP A 441 22.51 -5.73 -11.34
CA ASP A 441 23.60 -6.25 -12.16
C ASP A 441 24.67 -5.18 -12.38
N VAL A 442 24.23 -3.93 -12.62
CA VAL A 442 25.16 -2.85 -12.88
C VAL A 442 25.90 -2.46 -11.60
N MET A 443 25.25 -2.64 -10.46
CA MET A 443 25.90 -2.33 -9.19
C MET A 443 27.06 -3.26 -8.95
N ASP A 444 26.85 -4.54 -9.25
CA ASP A 444 27.92 -5.54 -9.16
C ASP A 444 29.03 -5.28 -10.17
N GLU A 445 28.66 -5.10 -11.43
CA GLU A 445 29.62 -4.76 -12.47
C GLU A 445 30.34 -3.45 -12.15
N GLU A 446 29.61 -2.50 -11.58
CA GLU A 446 30.18 -1.21 -11.19
C GLU A 446 30.76 -0.46 -12.39
ZN ZN B . -13.19 -15.40 28.22
C1 746 C . 5.73 17.91 0.83
C2 746 C . 4.97 17.41 -0.21
C3 746 C . 4.84 15.89 -0.48
C4 746 C . 4.37 18.34 -1.05
C5 746 C . 4.52 19.70 -0.87
C7 746 C . 5.28 20.17 0.18
C9 746 C . 5.88 19.26 1.02
C11 746 C . 6.44 17.04 1.82
N12 746 C . 7.69 17.52 2.27
C13 746 C . 8.37 16.73 3.23
C14 746 C . 7.86 15.43 3.78
O15 746 C . 8.50 14.83 4.58
N16 746 C . 6.59 14.97 3.29
C17 746 C . 5.87 15.77 2.35
N19 746 C . 3.62 17.83 -2.16
C21 746 C . 2.32 17.27 -2.00
O22 746 C . 1.80 17.22 -0.91
C23 746 C . 1.73 16.67 -3.27
C24 746 C . 0.36 16.47 -3.36
C26 746 C . -0.15 15.86 -4.47
C28 746 C . 0.65 15.44 -5.52
C29 746 C . 2.03 15.61 -5.43
C31 746 C . 2.56 16.23 -4.29
C33 746 C . 0.06 14.78 -6.79
C34 746 C . 0.18 15.76 -7.95
C38 746 C . -1.41 14.44 -6.60
C42 746 C . 0.80 13.51 -7.18
C46 746 C . 10.34 18.30 3.48
N47 746 C . 9.64 17.09 3.75
C48 746 C . 9.93 19.32 2.65
C49 746 C . 10.75 20.45 2.56
C50 746 C . 11.91 20.51 3.33
C51 746 C . 12.28 19.50 4.17
C52 746 C . 11.48 18.38 4.26
C60 746 C . 6.03 13.71 3.74
C71 746 C . 12.84 21.73 3.25
O72 746 C . 13.97 21.57 2.93
C81 746 C . 12.58 25.53 3.62
C82 746 C . 13.27 24.18 3.50
N83 746 C . 12.36 23.05 3.56
C84 746 C . 11.03 23.41 4.01
C85 746 C . 10.44 24.70 3.43
O86 746 C . 11.40 25.55 2.87
H3 746 C . 4.15 15.53 0.09
H3A 746 C . 5.69 15.46 -0.28
H3B 746 C . 4.61 15.75 -1.40
H5 746 C . 4.09 20.30 -1.45
H7 746 C . 5.36 21.09 0.33
H9 746 C . 6.38 19.58 1.75
H17 746 C . 5.06 15.46 2.02
HN19 746 C . 3.98 17.80 -2.94
H24 746 C . -0.19 16.74 -2.66
H26 746 C . -1.08 15.75 -4.55
H29 746 C . 2.59 15.35 -6.12
H31 746 C . 3.48 16.34 -4.21
H34 746 C . -0.11 15.33 -8.77
H34A 746 C . -0.39 16.53 -7.77
H34B 746 C . 1.10 16.05 -8.04
H38 746 C . -1.50 13.77 -5.91
H38A 746 C . -1.90 15.24 -6.33
H38B 746 C . -1.78 14.10 -7.43
H42 746 C . 1.75 13.62 -7.01
H42A 746 C . 0.46 12.77 -6.65
H42B 746 C . 0.65 13.33 -8.12
HN47 746 C . 9.99 16.57 4.34
H48 746 C . 9.15 19.25 2.14
H49 746 C . 10.51 21.15 1.99
H51 746 C . 13.06 19.55 4.67
H52 746 C . 11.71 17.68 4.82
H60 746 C . 5.81 13.79 4.68
H60A 746 C . 6.69 13.01 3.61
H60B 746 C . 5.24 13.52 3.22
H81 746 C . 13.18 26.22 3.29
H81A 746 C . 12.37 25.71 4.55
H82 746 C . 13.73 24.15 2.65
H82A 746 C . 13.92 24.10 4.22
H84 746 C . 11.06 23.51 4.98
H84A 746 C . 10.44 22.68 3.80
H85 746 C . 9.97 25.18 4.14
H85A 746 C . 9.79 24.46 2.75
CA CA D . 18.44 19.11 3.56
#